data_9LD6
#
_entry.id   9LD6
#
_cell.length_a   83.637
_cell.length_b   83.637
_cell.length_c   67.825
_cell.angle_alpha   90.00
_cell.angle_beta   90.00
_cell.angle_gamma   90.00
#
_symmetry.space_group_name_H-M   'P 41 21 2'
#
loop_
_entity.id
_entity.type
_entity.pdbx_description
1 polymer "Probable RNA 2'-phosphotransferase"
2 polymer "DNA (5'-D(*AP*AP*AP*AP*AP*AP*AP*AP*AP*A)-3')"
3 non-polymer 'SULFATE ION'
4 non-polymer GLYCEROL
5 non-polymer NICOTINAMIDE-ADENINE-DINUCLEOTIDE
6 water water
#
loop_
_entity_poly.entity_id
_entity_poly.type
_entity_poly.pdbx_seq_one_letter_code
_entity_poly.pdbx_strand_id
1 'polypeptide(L)'
;MKPERKRVSKLMAYILRHSPEEFGLRPDVEGFVSLNELVNALKTVYPEVTEEFVREIVENDPKGRYEIRGDRIRARYGHS
FPVSLDHEEDTESRFLYHGTPRRNLPSILKEGLKPMKRQYVHVSTDKIEALETGRRHGREVVLLVIDAECLRKRGFKIYK
AGKNVRIVERVPPDCITLAV
;
A
2 'polydeoxyribonucleotide' (DA)(DA)(DA)(DA)(DA)(DA)(DA)(DA)(DA)(DA) C
#
# COMPACT_ATOMS: atom_id res chain seq x y z
N LYS A 2 -5.05 13.80 -18.54
CA LYS A 2 -4.53 13.76 -17.17
C LYS A 2 -5.42 12.98 -16.17
N PRO A 3 -6.76 13.03 -16.32
CA PRO A 3 -7.60 12.09 -15.56
C PRO A 3 -7.72 10.71 -16.21
N GLU A 4 -7.28 10.55 -17.47
CA GLU A 4 -7.11 9.21 -18.02
C GLU A 4 -6.02 8.45 -17.28
N ARG A 5 -5.00 9.17 -16.78
CA ARG A 5 -3.93 8.51 -16.03
C ARG A 5 -4.45 7.88 -14.74
N LYS A 6 -5.45 8.48 -14.09
CA LYS A 6 -5.97 7.89 -12.87
C LYS A 6 -6.71 6.59 -13.17
N ARG A 7 -7.50 6.58 -14.26
CA ARG A 7 -8.23 5.38 -14.65
C ARG A 7 -7.28 4.20 -14.80
N VAL A 8 -6.22 4.36 -15.60
CA VAL A 8 -5.26 3.29 -15.85
C VAL A 8 -4.46 2.96 -14.61
N SER A 9 -4.12 3.98 -13.81
CA SER A 9 -3.36 3.72 -12.59
C SER A 9 -4.16 2.86 -11.61
N LYS A 10 -5.48 3.04 -11.59
CA LYS A 10 -6.32 2.30 -10.65
C LYS A 10 -6.47 0.84 -11.07
N LEU A 11 -6.61 0.57 -12.37
CA LEU A 11 -6.60 -0.80 -12.84
C LEU A 11 -5.25 -1.47 -12.57
N MET A 12 -4.15 -0.74 -12.75
CA MET A 12 -2.83 -1.25 -12.40
C MET A 12 -2.79 -1.74 -10.95
N ALA A 13 -3.33 -0.94 -10.02
CA ALA A 13 -3.33 -1.33 -8.61
C ALA A 13 -4.06 -2.64 -8.41
N TYR A 14 -5.23 -2.78 -9.04
CA TYR A 14 -6.01 -4.01 -8.97
C TYR A 14 -5.20 -5.20 -9.45
N ILE A 15 -4.59 -5.08 -10.63
CA ILE A 15 -3.86 -6.19 -11.20
C ILE A 15 -2.63 -6.51 -10.36
N LEU A 16 -1.88 -5.48 -9.98
CA LEU A 16 -0.60 -5.70 -9.33
C LEU A 16 -0.73 -5.98 -7.83
N ARG A 17 -1.85 -5.60 -7.21
CA ARG A 17 -2.03 -5.85 -5.78
C ARG A 17 -2.98 -7.00 -5.48
N HIS A 18 -3.94 -7.32 -6.35
CA HIS A 18 -5.06 -8.14 -5.90
C HIS A 18 -5.35 -9.36 -6.77
N SER A 19 -5.58 -9.19 -8.06
CA SER A 19 -6.04 -10.30 -8.90
C SER A 19 -5.28 -10.38 -10.22
N PRO A 20 -3.95 -10.56 -10.18
CA PRO A 20 -3.22 -10.85 -11.42
C PRO A 20 -3.69 -12.10 -12.10
N GLU A 21 -4.14 -13.09 -11.32
CA GLU A 21 -4.57 -14.36 -11.89
C GLU A 21 -5.77 -14.18 -12.82
N GLU A 22 -6.60 -13.15 -12.59
CA GLU A 22 -7.78 -12.95 -13.44
C GLU A 22 -7.44 -12.48 -14.84
N PHE A 23 -6.27 -11.88 -15.04
CA PHE A 23 -5.76 -11.59 -16.36
C PHE A 23 -4.76 -12.62 -16.83
N GLY A 24 -4.69 -13.78 -16.17
CA GLY A 24 -3.77 -14.80 -16.58
C GLY A 24 -2.31 -14.46 -16.37
N LEU A 25 -1.99 -13.54 -15.46
CA LEU A 25 -0.61 -13.26 -15.07
C LEU A 25 -0.28 -13.96 -13.75
N ARG A 26 0.96 -14.44 -13.65
CA ARG A 26 1.48 -15.09 -12.45
C ARG A 26 2.70 -14.31 -11.97
N PRO A 27 2.56 -13.43 -10.97
CA PRO A 27 3.73 -12.64 -10.51
C PRO A 27 4.79 -13.52 -9.88
N ASP A 28 6.05 -13.08 -10.00
CA ASP A 28 7.11 -13.83 -9.34
C ASP A 28 7.05 -13.59 -7.84
N VAL A 29 7.99 -14.19 -7.09
CA VAL A 29 7.93 -14.19 -5.64
C VAL A 29 7.98 -12.77 -5.09
N GLU A 30 8.80 -11.90 -5.70
CA GLU A 30 8.92 -10.52 -5.23
C GLU A 30 7.76 -9.65 -5.68
N GLY A 31 6.81 -10.18 -6.45
CA GLY A 31 5.64 -9.43 -6.86
C GLY A 31 5.73 -8.79 -8.22
N PHE A 32 6.76 -9.08 -8.99
CA PHE A 32 6.97 -8.46 -10.29
C PHE A 32 6.22 -9.23 -11.37
N VAL A 33 5.68 -8.49 -12.33
CA VAL A 33 5.29 -9.09 -13.61
C VAL A 33 6.06 -8.38 -14.70
N SER A 34 6.01 -8.96 -15.89
CA SER A 34 6.63 -8.36 -17.05
C SER A 34 5.89 -7.07 -17.43
N LEU A 35 6.66 -6.06 -17.86
CA LEU A 35 6.05 -4.83 -18.37
C LEU A 35 5.21 -5.11 -19.61
N ASN A 36 5.67 -6.03 -20.46
CA ASN A 36 4.92 -6.42 -21.64
C ASN A 36 3.62 -7.13 -21.25
N GLU A 37 3.67 -7.98 -20.21
CA GLU A 37 2.47 -8.64 -19.70
C GLU A 37 1.44 -7.61 -19.24
N LEU A 38 1.89 -6.61 -18.48
CA LEU A 38 0.95 -5.67 -17.88
C LEU A 38 0.30 -4.77 -18.94
N VAL A 39 1.07 -4.33 -19.95
CA VAL A 39 0.47 -3.51 -21.01
C VAL A 39 -0.56 -4.31 -21.77
N ASN A 40 -0.22 -5.54 -22.16
CA ASN A 40 -1.16 -6.39 -22.86
C ASN A 40 -2.38 -6.68 -21.99
N ALA A 41 -2.19 -6.79 -20.67
CA ALA A 41 -3.34 -7.00 -19.80
C ALA A 41 -4.17 -5.73 -19.68
N LEU A 42 -3.53 -4.57 -19.56
CA LEU A 42 -4.30 -3.33 -19.50
C LEU A 42 -5.00 -3.04 -20.82
N LYS A 43 -4.43 -3.50 -21.93
CA LYS A 43 -4.98 -3.15 -23.24
C LYS A 43 -6.37 -3.75 -23.45
N THR A 44 -6.66 -4.89 -22.84
CA THR A 44 -7.98 -5.48 -23.01
C THR A 44 -9.04 -4.77 -22.19
N VAL A 45 -8.73 -3.59 -21.66
CA VAL A 45 -9.73 -2.73 -21.04
C VAL A 45 -9.62 -1.34 -21.66
N TYR A 46 -8.39 -0.84 -21.78
CA TYR A 46 -8.09 0.42 -22.45
C TYR A 46 -7.11 0.13 -23.58
N PRO A 47 -7.59 -0.09 -24.81
CA PRO A 47 -6.68 -0.44 -25.90
C PRO A 47 -5.70 0.67 -26.29
N GLU A 48 -5.95 1.91 -25.88
CA GLU A 48 -5.02 2.99 -26.18
C GLU A 48 -3.73 2.90 -25.37
N VAL A 49 -3.69 2.06 -24.33
CA VAL A 49 -2.57 2.03 -23.39
C VAL A 49 -1.33 1.46 -24.05
N THR A 50 -0.19 2.13 -23.84
CA THR A 50 1.11 1.73 -24.36
C THR A 50 2.12 1.62 -23.21
N GLU A 51 3.30 1.10 -23.55
CA GLU A 51 4.34 0.98 -22.53
C GLU A 51 4.84 2.33 -22.07
N GLU A 52 4.78 3.35 -22.95
CA GLU A 52 5.21 4.68 -22.53
C GLU A 52 4.22 5.30 -21.56
N PHE A 53 2.92 5.12 -21.82
CA PHE A 53 1.93 5.64 -20.88
C PHE A 53 2.13 5.04 -19.49
N VAL A 54 2.41 3.74 -19.41
CA VAL A 54 2.62 3.13 -18.09
C VAL A 54 3.90 3.66 -17.46
N ARG A 55 4.95 3.83 -18.27
CA ARG A 55 6.20 4.34 -17.73
C ARG A 55 6.04 5.79 -17.26
N GLU A 56 5.20 6.57 -17.93
CA GLU A 56 4.87 7.91 -17.44
C GLU A 56 4.17 7.81 -16.08
N ILE A 57 3.19 6.91 -15.97
CA ILE A 57 2.43 6.74 -14.73
C ILE A 57 3.38 6.40 -13.59
N VAL A 58 4.28 5.44 -13.82
CA VAL A 58 5.21 5.02 -12.78
C VAL A 58 6.06 6.19 -12.31
N GLU A 59 6.77 6.82 -13.25
CA GLU A 59 7.73 7.86 -12.89
C GLU A 59 7.07 9.04 -12.17
N ASN A 60 5.80 9.33 -12.51
CA ASN A 60 5.14 10.51 -11.98
C ASN A 60 4.52 10.28 -10.60
N ASP A 61 4.16 9.04 -10.29
CA ASP A 61 3.26 8.75 -9.18
C ASP A 61 3.67 9.50 -7.92
N PRO A 62 2.74 10.14 -7.21
CA PRO A 62 3.12 10.97 -6.06
C PRO A 62 3.53 10.16 -4.84
N LYS A 63 2.98 8.96 -4.67
CA LYS A 63 3.30 8.17 -3.50
C LYS A 63 4.42 7.17 -3.74
N GLY A 64 4.78 6.92 -4.99
CA GLY A 64 5.69 5.84 -5.32
C GLY A 64 4.98 4.51 -5.24
N ARG A 65 3.81 4.40 -5.89
CA ARG A 65 3.00 3.19 -5.80
C ARG A 65 3.64 2.01 -6.52
N TYR A 66 4.43 2.29 -7.56
CA TYR A 66 4.92 1.29 -8.50
C TYR A 66 6.44 1.36 -8.61
N GLU A 67 7.02 0.24 -9.04
CA GLU A 67 8.46 0.14 -9.19
C GLU A 67 8.76 -0.57 -10.50
N ILE A 68 9.70 -0.02 -11.28
CA ILE A 68 10.16 -0.65 -12.51
C ILE A 68 11.63 -1.01 -12.35
N ARG A 69 11.94 -2.30 -12.44
CA ARG A 69 13.31 -2.80 -12.59
C ARG A 69 13.43 -3.36 -14.00
N GLY A 70 14.12 -2.62 -14.86
CA GLY A 70 14.29 -3.05 -16.24
C GLY A 70 12.94 -3.19 -16.94
N ASP A 71 12.69 -4.37 -17.46
CA ASP A 71 11.44 -4.67 -18.15
C ASP A 71 10.35 -5.27 -17.24
N ARG A 72 10.49 -5.14 -15.93
CA ARG A 72 9.51 -5.71 -15.02
C ARG A 72 8.94 -4.63 -14.12
N ILE A 73 7.71 -4.86 -13.63
CA ILE A 73 6.99 -3.86 -12.85
C ILE A 73 6.24 -4.52 -11.69
N ARG A 74 6.09 -3.77 -10.59
CA ARG A 74 5.39 -4.25 -9.43
C ARG A 74 4.78 -3.09 -8.68
N ALA A 75 3.70 -3.37 -7.96
CA ALA A 75 3.26 -2.47 -6.91
C ALA A 75 4.17 -2.62 -5.70
N ARG A 76 4.52 -1.51 -5.06
CA ARG A 76 5.43 -1.58 -3.93
C ARG A 76 4.76 -1.90 -2.60
N TYR A 77 3.43 -1.86 -2.52
CA TYR A 77 2.76 -2.17 -1.28
C TYR A 77 1.30 -2.43 -1.59
N GLY A 78 0.51 -2.68 -0.54
CA GLY A 78 -0.92 -2.87 -0.70
C GLY A 78 -1.37 -4.24 -1.18
N HIS A 79 -0.47 -5.18 -1.39
CA HIS A 79 -0.88 -6.47 -1.96
C HIS A 79 -1.83 -7.20 -1.02
N SER A 80 -2.68 -8.06 -1.60
CA SER A 80 -3.49 -9.02 -0.88
C SER A 80 -3.12 -10.47 -1.20
N PHE A 81 -2.02 -10.72 -1.89
CA PHE A 81 -1.41 -12.03 -1.99
C PHE A 81 0.03 -11.94 -1.49
N PRO A 82 0.56 -12.99 -0.89
CA PRO A 82 1.90 -12.90 -0.29
C PRO A 82 2.93 -12.50 -1.34
N VAL A 83 3.85 -11.61 -0.94
CA VAL A 83 4.99 -11.23 -1.77
C VAL A 83 6.21 -11.05 -0.87
N SER A 84 7.38 -11.09 -1.50
CA SER A 84 8.67 -10.92 -0.83
C SER A 84 9.26 -9.56 -1.22
N LEU A 85 8.97 -8.53 -0.42
CA LEU A 85 9.47 -7.20 -0.69
C LEU A 85 10.82 -7.00 -0.02
N ASP A 86 11.65 -6.12 -0.60
CA ASP A 86 13.01 -5.86 -0.12
C ASP A 86 13.15 -4.40 0.30
N HIS A 87 12.16 -3.86 0.99
CA HIS A 87 12.21 -2.46 1.36
C HIS A 87 13.17 -2.25 2.53
N GLU A 88 13.52 -0.99 2.73
CA GLU A 88 14.41 -0.61 3.82
C GLU A 88 13.62 -0.45 5.11
N GLU A 89 14.26 -0.77 6.23
CA GLU A 89 13.63 -0.62 7.53
C GLU A 89 13.63 0.84 7.96
N ASP A 90 12.45 1.34 8.32
CA ASP A 90 12.29 2.66 8.92
C ASP A 90 12.74 2.58 10.37
N THR A 91 13.96 3.01 10.64
CA THR A 91 14.50 3.03 11.99
C THR A 91 14.44 4.40 12.64
N GLU A 92 13.98 5.44 11.94
CA GLU A 92 14.01 6.79 12.50
C GLU A 92 12.66 7.30 12.97
N SER A 93 11.55 6.84 12.41
CA SER A 93 10.27 7.43 12.78
C SER A 93 9.92 7.13 14.23
N ARG A 94 9.52 8.16 14.95
CA ARG A 94 9.09 8.00 16.33
C ARG A 94 7.59 7.78 16.41
N PHE A 95 6.81 8.54 15.66
CA PHE A 95 5.37 8.32 15.57
C PHE A 95 4.98 7.98 14.14
N LEU A 96 3.95 7.16 14.02
CA LEU A 96 3.34 6.81 12.74
C LEU A 96 1.84 6.99 12.88
N TYR A 97 1.12 7.01 11.75
CA TYR A 97 -0.28 7.39 11.74
C TYR A 97 -1.10 6.45 10.89
N HIS A 98 -2.36 6.27 11.30
CA HIS A 98 -3.26 5.38 10.58
C HIS A 98 -4.66 5.97 10.72
N GLY A 99 -5.33 6.23 9.61
CA GLY A 99 -6.67 6.77 9.63
C GLY A 99 -7.66 5.64 9.43
N THR A 100 -8.79 5.69 10.16
CA THR A 100 -9.77 4.63 10.00
C THR A 100 -11.14 5.13 10.46
N PRO A 101 -12.22 4.68 9.83
CA PRO A 101 -13.55 5.11 10.29
C PRO A 101 -13.72 4.82 11.77
N ARG A 102 -14.42 5.73 12.46
CA ARG A 102 -14.64 5.59 13.89
C ARG A 102 -15.33 4.28 14.23
N ARG A 103 -16.19 3.81 13.33
CA ARG A 103 -16.95 2.60 13.62
C ARG A 103 -16.03 1.40 13.85
N ASN A 104 -14.78 1.51 13.43
CA ASN A 104 -13.80 0.44 13.57
C ASN A 104 -13.09 0.46 14.91
N LEU A 105 -13.24 1.52 15.67
CA LEU A 105 -12.41 1.71 16.85
C LEU A 105 -12.67 0.65 17.94
N PRO A 106 -13.92 0.26 18.24
CA PRO A 106 -14.09 -0.71 19.32
C PRO A 106 -13.38 -2.04 19.08
N SER A 107 -13.27 -2.49 17.83
CA SER A 107 -12.55 -3.73 17.61
C SER A 107 -11.04 -3.51 17.63
N ILE A 108 -10.57 -2.38 17.08
CA ILE A 108 -9.13 -2.07 17.04
C ILE A 108 -8.57 -1.92 18.45
N LEU A 109 -9.33 -1.27 19.34
CA LEU A 109 -8.92 -1.19 20.74
C LEU A 109 -8.79 -2.57 21.37
N LYS A 110 -9.57 -3.55 20.92
CA LYS A 110 -9.49 -4.88 21.48
C LYS A 110 -8.38 -5.71 20.82
N GLU A 111 -8.24 -5.61 19.49
CA GLU A 111 -7.35 -6.48 18.74
C GLU A 111 -6.11 -5.80 18.18
N GLY A 112 -5.98 -4.49 18.29
CA GLY A 112 -4.96 -3.76 17.53
C GLY A 112 -5.32 -3.67 16.05
N LEU A 113 -4.43 -3.01 15.29
CA LEU A 113 -4.57 -3.03 13.84
C LEU A 113 -4.17 -4.39 13.31
N LYS A 114 -4.97 -4.94 12.41
CA LYS A 114 -4.68 -6.22 11.77
C LYS A 114 -4.62 -6.02 10.26
N PRO A 115 -3.87 -6.85 9.53
CA PRO A 115 -3.74 -6.62 8.08
C PRO A 115 -5.06 -6.77 7.31
N MET A 116 -6.07 -7.41 7.89
CA MET A 116 -7.36 -7.69 7.25
C MET A 116 -7.18 -8.42 5.92
N LYS A 117 -7.47 -7.78 4.78
CA LYS A 117 -7.37 -8.51 3.53
C LYS A 117 -5.98 -8.44 2.90
N ARG A 118 -5.18 -7.46 3.28
CA ARG A 118 -3.86 -7.29 2.72
C ARG A 118 -2.84 -8.11 3.51
N GLN A 119 -1.58 -8.12 3.05
CA GLN A 119 -0.53 -8.89 3.72
C GLN A 119 -0.03 -8.18 4.97
N TYR A 120 0.04 -6.85 4.91
CA TYR A 120 0.64 -6.03 5.96
C TYR A 120 -0.34 -4.95 6.38
N VAL A 121 -0.17 -4.45 7.61
CA VAL A 121 -0.86 -3.24 8.03
C VAL A 121 -0.13 -2.06 7.39
N HIS A 122 -0.87 -1.07 6.92
CA HIS A 122 -0.29 0.10 6.28
C HIS A 122 -0.48 1.29 7.20
N VAL A 123 0.60 2.03 7.48
CA VAL A 123 0.54 3.24 8.29
C VAL A 123 1.26 4.33 7.52
N SER A 124 1.30 5.54 8.08
CA SER A 124 1.92 6.64 7.35
C SER A 124 2.79 7.49 8.25
N THR A 125 3.88 8.03 7.70
CA THR A 125 4.59 9.07 8.41
C THR A 125 3.85 10.40 8.34
N ASP A 126 2.77 10.48 7.58
CA ASP A 126 2.13 11.76 7.32
C ASP A 126 0.67 11.73 7.78
N LYS A 127 0.30 12.71 8.63
CA LYS A 127 -1.05 12.77 9.20
C LYS A 127 -2.11 12.97 8.14
N ILE A 128 -1.84 13.83 7.15
CA ILE A 128 -2.86 14.08 6.12
C ILE A 128 -3.12 12.81 5.30
N GLU A 129 -2.06 12.12 4.87
CA GLU A 129 -2.25 10.93 4.04
C GLU A 129 -2.96 9.82 4.82
N ALA A 130 -2.67 9.71 6.12
CA ALA A 130 -3.40 8.77 6.96
C ALA A 130 -4.88 9.12 7.03
N LEU A 131 -5.20 10.40 7.21
CA LEU A 131 -6.60 10.80 7.28
C LEU A 131 -7.29 10.64 5.94
N GLU A 132 -6.58 10.91 4.85
CA GLU A 132 -7.19 10.85 3.52
C GLU A 132 -7.52 9.42 3.12
N THR A 133 -6.61 8.49 3.36
CA THR A 133 -6.90 7.09 3.03
C THR A 133 -8.02 6.57 3.90
N GLY A 134 -7.95 6.84 5.21
CA GLY A 134 -9.06 6.48 6.10
C GLY A 134 -10.41 7.00 5.64
N ARG A 135 -10.43 8.13 4.93
CA ARG A 135 -11.69 8.73 4.51
C ARG A 135 -12.36 7.94 3.39
N ARG A 136 -11.58 7.10 2.69
CA ARG A 136 -12.15 6.33 1.59
C ARG A 136 -13.23 5.38 2.07
N HIS A 137 -13.15 4.90 3.31
CA HIS A 137 -14.09 3.94 3.83
C HIS A 137 -15.34 4.54 4.43
N GLY A 138 -15.37 5.85 4.69
CA GLY A 138 -16.49 6.43 5.42
C GLY A 138 -16.17 7.81 5.95
N ARG A 139 -17.21 8.61 6.23
CA ARG A 139 -17.04 10.05 6.44
C ARG A 139 -16.43 10.42 7.79
N GLU A 140 -16.65 9.61 8.84
CA GLU A 140 -16.18 9.91 10.19
C GLU A 140 -14.88 9.16 10.42
N VAL A 141 -13.75 9.85 10.31
CA VAL A 141 -12.43 9.23 10.41
C VAL A 141 -11.74 9.65 11.71
N VAL A 142 -10.99 8.74 12.32
CA VAL A 142 -10.14 9.06 13.45
C VAL A 142 -8.69 8.85 13.05
N LEU A 143 -7.81 9.66 13.64
CA LEU A 143 -6.37 9.59 13.43
C LEU A 143 -5.74 8.82 14.59
N LEU A 144 -5.22 7.62 14.32
CA LEU A 144 -4.51 6.84 15.34
C LEU A 144 -3.04 7.22 15.33
N VAL A 145 -2.50 7.54 16.49
CA VAL A 145 -1.08 7.82 16.64
C VAL A 145 -0.43 6.56 17.20
N ILE A 146 0.63 6.10 16.55
CA ILE A 146 1.26 4.84 16.90
C ILE A 146 2.69 5.13 17.35
N ASP A 147 3.07 4.55 18.48
CA ASP A 147 4.43 4.67 18.95
C ASP A 147 5.26 3.65 18.19
N ALA A 148 6.14 4.12 17.31
CA ALA A 148 6.90 3.20 16.48
C ALA A 148 7.88 2.36 17.33
N GLU A 149 8.50 2.97 18.34
CA GLU A 149 9.53 2.27 19.11
C GLU A 149 8.93 1.09 19.88
N CYS A 150 7.71 1.27 20.39
CA CYS A 150 6.90 0.17 20.91
C CYS A 150 6.87 -1.01 19.94
N LEU A 151 6.57 -0.76 18.66
CA LEU A 151 6.51 -1.84 17.68
C LEU A 151 7.86 -2.50 17.49
N ARG A 152 8.93 -1.70 17.38
CA ARG A 152 10.24 -2.29 17.19
C ARG A 152 10.62 -3.15 18.38
N LYS A 153 10.34 -2.68 19.59
CA LYS A 153 10.67 -3.44 20.79
C LYS A 153 9.92 -4.77 20.84
N ARG A 154 8.69 -4.80 20.32
CA ARG A 154 7.91 -6.03 20.24
C ARG A 154 8.34 -6.94 19.09
N GLY A 155 9.28 -6.52 18.24
CA GLY A 155 9.78 -7.32 17.14
C GLY A 155 9.20 -6.98 15.78
N PHE A 156 8.15 -6.16 15.73
CA PHE A 156 7.48 -5.78 14.49
C PHE A 156 8.28 -4.67 13.84
N LYS A 157 9.11 -5.02 12.88
CA LYS A 157 9.91 -4.02 12.18
C LYS A 157 9.04 -3.28 11.17
N ILE A 158 9.39 -2.02 10.94
CA ILE A 158 8.67 -1.08 10.08
C ILE A 158 9.51 -0.81 8.84
N TYR A 159 8.88 -0.91 7.67
CA TYR A 159 9.60 -0.83 6.40
C TYR A 159 9.09 0.31 5.54
N LYS A 160 10.01 0.99 4.84
CA LYS A 160 9.65 2.16 4.02
C LYS A 160 9.20 1.70 2.65
N ALA A 161 7.89 1.64 2.44
CA ALA A 161 7.36 1.12 1.19
C ALA A 161 6.94 2.19 0.18
N GLY A 162 6.67 3.42 0.62
CA GLY A 162 6.46 4.49 -0.33
C GLY A 162 7.06 5.77 0.21
N LYS A 163 6.67 6.92 -0.34
CA LYS A 163 7.20 8.18 0.20
C LYS A 163 6.88 8.30 1.69
N ASN A 164 5.59 8.22 2.03
CA ASN A 164 5.15 8.26 3.41
C ASN A 164 4.54 6.95 3.88
N VAL A 165 4.30 6.00 2.99
CA VAL A 165 3.69 4.73 3.37
C VAL A 165 4.73 3.84 4.05
N ARG A 166 4.31 3.19 5.14
CA ARG A 166 5.10 2.24 5.91
C ARG A 166 4.28 0.97 6.11
N ILE A 167 4.96 -0.18 6.23
CA ILE A 167 4.26 -1.45 6.42
C ILE A 167 4.81 -2.15 7.66
N VAL A 168 3.90 -2.83 8.39
CA VAL A 168 4.21 -3.62 9.58
C VAL A 168 3.32 -4.86 9.55
N GLU A 169 3.74 -5.89 10.30
CA GLU A 169 2.91 -7.10 10.39
C GLU A 169 1.57 -6.79 11.03
N ARG A 170 1.58 -6.07 12.14
CA ARG A 170 0.39 -5.75 12.90
C ARG A 170 0.79 -4.72 13.95
N VAL A 171 -0.20 -4.05 14.52
CA VAL A 171 0.01 -3.04 15.55
C VAL A 171 -0.78 -3.46 16.79
N PRO A 172 -0.13 -4.05 17.79
CA PRO A 172 -0.83 -4.39 19.01
C PRO A 172 -1.47 -3.16 19.63
N PRO A 173 -2.54 -3.33 20.40
CA PRO A 173 -3.29 -2.15 20.86
C PRO A 173 -2.51 -1.26 21.80
N ASP A 174 -1.58 -1.82 22.58
CA ASP A 174 -0.89 -0.94 23.52
C ASP A 174 0.21 -0.13 22.85
N CYS A 175 0.39 -0.29 21.53
CA CYS A 175 1.28 0.58 20.78
C CYS A 175 0.54 1.75 20.15
N ILE A 176 -0.79 1.77 20.27
CA ILE A 176 -1.60 2.90 19.81
C ILE A 176 -1.73 3.86 20.99
N THR A 177 -1.09 5.01 20.86
CA THR A 177 -0.98 5.93 21.99
C THR A 177 -2.16 6.88 22.08
N LEU A 178 -2.80 7.17 20.96
CA LEU A 178 -3.88 8.15 20.94
C LEU A 178 -4.80 7.87 19.76
N ALA A 179 -6.08 8.21 19.92
CA ALA A 179 -7.01 8.22 18.81
C ALA A 179 -7.68 9.58 18.80
N VAL A 180 -7.64 10.26 17.66
CA VAL A 180 -8.09 11.66 17.56
C VAL A 180 -9.15 11.90 16.47
#